data_2IQJ
#
_entry.id   2IQJ
#
_cell.length_a   34.812
_cell.length_b   38.513
_cell.length_c   47.386
_cell.angle_alpha   90.10
_cell.angle_beta   108.89
_cell.angle_gamma   105.13
#
_symmetry.space_group_name_H-M   'P 1'
#
loop_
_entity.id
_entity.type
_entity.pdbx_description
1 polymer 'Stromal membrane-associated protein 1-like'
2 non-polymer 'ZINC ION'
3 non-polymer BETA-MERCAPTOETHANOL
4 non-polymer 'UNKNOWN ATOM OR ION'
5 water water
#
_entity_poly.entity_id   1
_entity_poly.type   'polypeptide(L)'
_entity_poly.pdbx_seq_one_letter_code
;GSMTGKSVKDVDRYQAVLANLLLEEDNKFCADCQSKGPRWASWNIGVFICIRCAGIHRNLGVHISRVKSVNLDQWTQEQI
QCMQEMGNGKANRLYEAYLPETFRRPQIDPAVEGFIRDKYEKKKYMDRSLDINA
;
_entity_poly.pdbx_strand_id   A,B
#
loop_
_chem_comp.id
_chem_comp.type
_chem_comp.name
_chem_comp.formula
BME non-polymer BETA-MERCAPTOETHANOL 'C2 H6 O S'
UNX non-polymer 'UNKNOWN ATOM OR ION' ?
ZN non-polymer 'ZINC ION' 'Zn 2'
#
# COMPACT_ATOMS: atom_id res chain seq x y z
N ARG A 13 4.17 22.68 3.03
CA ARG A 13 5.68 22.58 2.93
C ARG A 13 6.13 22.26 1.51
N TYR A 14 5.39 21.35 0.86
CA TYR A 14 5.74 20.83 -0.49
C TYR A 14 4.75 21.21 -1.61
N GLN A 15 3.78 22.06 -1.32
CA GLN A 15 2.79 22.49 -2.33
C GLN A 15 3.47 23.13 -3.58
N ALA A 16 4.54 23.89 -3.33
CA ALA A 16 5.31 24.54 -4.39
C ALA A 16 5.92 23.54 -5.31
N VAL A 17 6.59 22.56 -4.74
CA VAL A 17 7.25 21.51 -5.51
C VAL A 17 6.24 20.78 -6.39
N LEU A 18 5.10 20.46 -5.79
CA LEU A 18 3.99 19.78 -6.44
C LEU A 18 3.38 20.62 -7.55
N ALA A 19 3.25 21.93 -7.30
CA ALA A 19 2.79 22.88 -8.27
C ALA A 19 3.68 22.86 -9.52
N ASN A 20 5.00 22.91 -9.31
CA ASN A 20 5.97 22.89 -10.41
CA ASN A 20 5.96 22.89 -10.42
C ASN A 20 5.92 21.59 -11.21
N LEU A 21 5.66 20.49 -10.51
CA LEU A 21 5.46 19.21 -11.18
C LEU A 21 4.13 19.20 -11.94
N LEU A 22 3.10 19.90 -11.44
CA LEU A 22 1.79 19.95 -12.16
C LEU A 22 1.83 20.86 -13.41
N LEU A 23 2.96 21.56 -13.61
CA LEU A 23 3.20 22.39 -14.80
C LEU A 23 3.73 21.60 -15.93
N GLU A 24 4.37 20.47 -15.63
CA GLU A 24 4.86 19.60 -16.66
C GLU A 24 3.67 19.22 -17.58
N GLU A 25 3.85 19.34 -18.88
CA GLU A 25 2.72 19.14 -19.83
C GLU A 25 1.96 17.80 -19.70
N ASP A 26 2.69 16.69 -19.60
CA ASP A 26 2.07 15.38 -19.35
C ASP A 26 1.24 15.31 -18.06
N ASN A 27 1.58 16.17 -17.08
CA ASN A 27 0.91 16.15 -15.78
C ASN A 27 -0.32 17.06 -15.70
N LYS A 28 -0.66 17.65 -16.85
CA LYS A 28 -1.84 18.51 -16.96
C LYS A 28 -3.09 17.68 -17.33
N PHE A 29 -2.91 16.36 -17.43
CA PHE A 29 -3.96 15.41 -17.82
C PHE A 29 -3.88 14.15 -16.97
N CYS A 30 -5.01 13.59 -16.60
CA CYS A 30 -5.01 12.37 -15.85
C CYS A 30 -4.23 11.29 -16.60
N ALA A 31 -3.36 10.59 -15.88
CA ALA A 31 -2.52 9.55 -16.47
C ALA A 31 -3.32 8.44 -17.12
N ASP A 32 -4.51 8.16 -16.57
CA ASP A 32 -5.30 7.03 -17.02
C ASP A 32 -6.40 7.41 -17.97
N CYS A 33 -7.16 8.46 -17.65
CA CYS A 33 -8.31 8.86 -18.49
C CYS A 33 -8.08 10.18 -19.28
N GLN A 34 -6.98 10.88 -18.97
CA GLN A 34 -6.54 12.15 -19.63
C GLN A 34 -7.46 13.35 -19.46
N SER A 35 -8.33 13.30 -18.48
CA SER A 35 -9.11 14.47 -18.12
C SER A 35 -8.17 15.57 -17.58
N LYS A 36 -8.54 16.82 -17.81
CA LYS A 36 -7.57 17.87 -17.53
C LYS A 36 -7.46 18.27 -16.06
N GLY A 37 -6.24 18.64 -15.67
CA GLY A 37 -5.96 19.17 -14.37
C GLY A 37 -6.14 18.19 -13.23
N PRO A 38 -5.44 17.04 -13.28
CA PRO A 38 -5.53 16.07 -12.20
C PRO A 38 -5.00 16.66 -10.88
N ARG A 39 -5.69 16.40 -9.77
CA ARG A 39 -5.27 16.94 -8.44
C ARG A 39 -5.08 15.83 -7.38
N TRP A 40 -4.87 14.60 -7.86
CA TRP A 40 -4.64 13.45 -7.05
C TRP A 40 -3.45 12.70 -7.62
N ALA A 41 -2.96 11.76 -6.85
CA ALA A 41 -1.79 10.99 -7.27
C ALA A 41 -1.76 9.63 -6.64
N SER A 42 -1.23 8.67 -7.41
CA SER A 42 -0.69 7.46 -6.91
C SER A 42 0.83 7.69 -6.81
N TRP A 43 1.32 7.82 -5.59
CA TRP A 43 2.69 8.25 -5.39
C TRP A 43 3.69 7.09 -5.49
N ASN A 44 3.25 5.88 -5.19
CA ASN A 44 4.19 4.73 -5.34
C ASN A 44 4.34 4.31 -6.83
N ILE A 45 3.28 4.48 -7.60
CA ILE A 45 3.32 4.29 -9.05
C ILE A 45 4.00 5.52 -9.70
N GLY A 46 3.64 6.74 -9.27
CA GLY A 46 4.24 8.00 -9.70
C GLY A 46 3.45 8.77 -10.76
N VAL A 47 2.13 8.63 -10.70
CA VAL A 47 1.22 9.24 -11.66
C VAL A 47 0.30 10.25 -10.99
N PHE A 48 0.02 11.34 -11.70
CA PHE A 48 -1.02 12.25 -11.31
C PHE A 48 -2.32 11.88 -12.03
N ILE A 49 -3.38 11.76 -11.27
CA ILE A 49 -4.68 11.27 -11.71
C ILE A 49 -5.82 12.15 -11.19
N CYS A 50 -6.95 12.09 -11.88
CA CYS A 50 -8.15 12.77 -11.43
C CYS A 50 -8.80 12.04 -10.24
N ILE A 51 -9.77 12.72 -9.62
CA ILE A 51 -10.39 12.20 -8.42
C ILE A 51 -11.15 10.89 -8.67
N ARG A 52 -11.75 10.76 -9.85
CA ARG A 52 -12.48 9.54 -10.21
C ARG A 52 -11.53 8.35 -10.35
N CYS A 53 -10.39 8.53 -11.03
CA CYS A 53 -9.42 7.47 -11.18
C CYS A 53 -8.68 7.22 -9.87
N ALA A 54 -8.52 8.24 -9.02
CA ALA A 54 -7.98 8.04 -7.64
C ALA A 54 -8.89 7.10 -6.85
N GLY A 55 -10.21 7.24 -7.04
CA GLY A 55 -11.22 6.35 -6.44
C GLY A 55 -11.06 4.89 -6.85
N ILE A 56 -10.80 4.66 -8.13
CA ILE A 56 -10.42 3.33 -8.66
C ILE A 56 -9.08 2.78 -8.14
N HIS A 57 -8.03 3.61 -8.15
CA HIS A 57 -6.72 3.25 -7.57
C HIS A 57 -6.90 2.81 -6.13
N ARG A 58 -7.66 3.57 -5.35
CA ARG A 58 -7.92 3.21 -3.96
C ARG A 58 -8.44 1.80 -3.82
N ASN A 59 -9.35 1.41 -4.68
CA ASN A 59 -9.93 0.09 -4.63
C ASN A 59 -9.01 -1.02 -5.15
N LEU A 60 -7.93 -0.68 -5.85
CA LEU A 60 -6.95 -1.68 -6.24
C LEU A 60 -6.23 -2.24 -5.04
N GLY A 61 -6.06 -1.43 -4.00
CA GLY A 61 -5.37 -1.84 -2.78
C GLY A 61 -4.00 -1.19 -2.73
N VAL A 62 -3.48 -1.03 -1.52
CA VAL A 62 -2.22 -0.33 -1.26
C VAL A 62 -0.99 -1.11 -1.65
N HIS A 63 -1.16 -2.41 -1.91
CA HIS A 63 -0.11 -3.21 -2.51
C HIS A 63 0.15 -2.80 -3.95
N ILE A 64 -0.85 -2.18 -4.61
CA ILE A 64 -0.73 -1.74 -6.00
C ILE A 64 -0.54 -0.21 -6.07
N SER A 65 -1.39 0.53 -5.37
CA SER A 65 -1.44 1.98 -5.50
C SER A 65 -1.72 2.65 -4.19
N ARG A 66 -0.99 3.72 -3.94
CA ARG A 66 -1.14 4.50 -2.71
C ARG A 66 -1.46 5.92 -3.13
N VAL A 67 -2.67 6.34 -2.83
CA VAL A 67 -3.27 7.51 -3.40
C VAL A 67 -3.23 8.68 -2.40
N LYS A 68 -2.73 9.82 -2.84
CA LYS A 68 -2.90 11.09 -2.11
C LYS A 68 -3.48 12.23 -2.94
N SER A 69 -4.11 13.17 -2.25
CA SER A 69 -4.51 14.45 -2.81
C SER A 69 -3.28 15.37 -2.82
N VAL A 70 -3.10 16.03 -3.94
CA VAL A 70 -2.10 17.06 -4.11
C VAL A 70 -2.28 18.24 -3.14
N ASN A 71 -3.52 18.58 -2.80
CA ASN A 71 -3.74 19.79 -2.00
C ASN A 71 -4.31 19.56 -0.61
N LEU A 72 -4.88 18.38 -0.36
CA LEU A 72 -5.43 18.06 0.94
C LEU A 72 -4.53 17.18 1.79
N ASP A 73 -3.70 16.35 1.17
CA ASP A 73 -2.80 15.49 1.94
C ASP A 73 -1.46 16.16 2.26
N GLN A 74 -0.86 15.74 3.37
CA GLN A 74 0.52 16.03 3.68
C GLN A 74 1.40 14.99 2.98
N TRP A 75 2.50 15.44 2.43
CA TRP A 75 3.41 14.57 1.69
C TRP A 75 4.73 14.49 2.42
N THR A 76 5.39 13.33 2.34
CA THR A 76 6.77 13.20 2.80
C THR A 76 7.69 13.56 1.65
N GLN A 77 8.92 13.98 1.97
CA GLN A 77 9.96 14.19 0.94
C GLN A 77 10.13 12.99 -0.02
N GLU A 78 10.05 11.77 0.51
CA GLU A 78 10.29 10.58 -0.33
C GLU A 78 9.14 10.38 -1.32
N GLN A 79 7.93 10.66 -0.86
CA GLN A 79 6.74 10.56 -1.73
C GLN A 79 6.76 11.57 -2.87
N ILE A 80 7.18 12.81 -2.57
CA ILE A 80 7.44 13.83 -3.60
C ILE A 80 8.49 13.32 -4.59
N GLN A 81 9.59 12.80 -4.05
CA GLN A 81 10.67 12.23 -4.88
C GLN A 81 10.18 11.15 -5.86
N CYS A 82 9.26 10.32 -5.38
CA CYS A 82 8.61 9.33 -6.23
C CYS A 82 7.95 9.95 -7.48
N MET A 83 7.26 11.07 -7.29
CA MET A 83 6.59 11.78 -8.39
C MET A 83 7.63 12.46 -9.30
N GLN A 84 8.72 12.95 -8.72
CA GLN A 84 9.77 13.60 -9.50
C GLN A 84 10.45 12.61 -10.42
N GLU A 85 10.63 11.39 -9.93
CA GLU A 85 11.33 10.36 -10.71
C GLU A 85 10.44 9.62 -11.73
N MET A 86 9.14 9.91 -11.75
CA MET A 86 8.24 9.27 -12.68
C MET A 86 7.45 10.33 -13.35
N GLY A 87 6.21 10.56 -12.91
CA GLY A 87 5.30 11.42 -13.64
C GLY A 87 4.63 10.74 -14.82
N ASN A 88 3.68 11.44 -15.41
CA ASN A 88 2.75 10.78 -16.37
C ASN A 88 3.41 10.40 -17.68
N GLY A 89 4.40 11.19 -18.08
CA GLY A 89 5.21 10.92 -19.28
C GLY A 89 5.95 9.61 -19.17
N LYS A 90 6.87 9.53 -18.20
CA LYS A 90 7.64 8.32 -17.96
C LYS A 90 6.77 7.11 -17.61
N ALA A 91 5.69 7.33 -16.86
CA ALA A 91 4.75 6.25 -16.55
C ALA A 91 4.05 5.65 -17.79
N ASN A 92 3.62 6.51 -18.73
CA ASN A 92 3.04 6.12 -20.06
C ASN A 92 4.02 5.20 -20.82
N ARG A 93 5.28 5.57 -20.83
CA ARG A 93 6.32 4.77 -21.51
C ARG A 93 6.48 3.38 -20.91
N LEU A 94 6.32 3.26 -19.59
CA LEU A 94 6.44 1.98 -18.91
C LEU A 94 5.13 1.15 -19.00
N TYR A 95 4.06 1.72 -18.46
CA TYR A 95 2.81 0.99 -18.32
C TYR A 95 1.99 0.92 -19.59
N GLU A 96 2.21 1.81 -20.55
CA GLU A 96 1.40 1.80 -21.76
C GLU A 96 2.28 1.49 -23.00
N ALA A 97 3.44 0.90 -22.78
CA ALA A 97 4.38 0.61 -23.86
C ALA A 97 3.71 -0.16 -25.00
N TYR A 98 2.94 -1.18 -24.65
CA TYR A 98 2.36 -2.09 -25.63
C TYR A 98 0.90 -1.82 -25.89
N LEU A 99 0.46 -0.61 -25.58
CA LEU A 99 -0.90 -0.22 -25.83
C LEU A 99 -0.99 0.01 -27.34
N PRO A 100 -1.92 -0.69 -28.02
CA PRO A 100 -2.08 -0.43 -29.46
C PRO A 100 -2.25 1.07 -29.74
N GLU A 101 -1.67 1.58 -30.83
CA GLU A 101 -1.82 3.00 -31.22
C GLU A 101 -3.25 3.28 -31.65
N THR A 102 -3.95 2.23 -32.07
CA THR A 102 -5.36 2.32 -32.39
C THR A 102 -6.30 2.44 -31.12
N PHE A 103 -5.87 1.84 -30.00
CA PHE A 103 -6.65 1.74 -28.73
C PHE A 103 -7.48 2.99 -28.41
N ARG A 104 -8.78 2.81 -28.16
CA ARG A 104 -9.60 3.95 -27.75
C ARG A 104 -9.55 4.03 -26.23
N ARG A 105 -8.83 5.01 -25.70
CA ARG A 105 -8.68 5.19 -24.24
C ARG A 105 -10.04 5.41 -23.62
N PRO A 106 -10.41 4.60 -22.60
CA PRO A 106 -11.76 4.71 -22.06
C PRO A 106 -11.99 5.96 -21.24
N GLN A 107 -13.26 6.21 -21.02
CA GLN A 107 -13.70 7.42 -20.39
C GLN A 107 -14.75 7.13 -19.32
N ILE A 108 -15.54 6.07 -19.47
CA ILE A 108 -16.62 5.82 -18.51
C ILE A 108 -16.12 4.92 -17.36
N ASP A 109 -16.68 5.12 -16.18
CA ASP A 109 -16.25 4.46 -14.95
C ASP A 109 -15.89 2.97 -15.05
N PRO A 110 -16.83 2.08 -15.46
CA PRO A 110 -16.49 0.64 -15.49
C PRO A 110 -15.42 0.22 -16.51
N ALA A 111 -15.38 0.90 -17.66
CA ALA A 111 -14.31 0.69 -18.65
C ALA A 111 -12.95 1.16 -18.15
N VAL A 112 -12.94 2.35 -17.55
CA VAL A 112 -11.75 2.91 -16.89
C VAL A 112 -11.28 2.01 -15.75
N GLU A 113 -12.20 1.43 -14.98
CA GLU A 113 -11.79 0.54 -13.89
C GLU A 113 -11.04 -0.70 -14.43
N GLY A 114 -11.56 -1.28 -15.49
CA GLY A 114 -10.89 -2.39 -16.20
C GLY A 114 -9.53 -2.02 -16.74
N PHE A 115 -9.46 -0.86 -17.39
CA PHE A 115 -8.21 -0.37 -17.97
C PHE A 115 -7.12 -0.11 -16.92
N ILE A 116 -7.50 0.50 -15.81
CA ILE A 116 -6.56 0.73 -14.69
C ILE A 116 -6.09 -0.58 -14.04
N ARG A 117 -6.97 -1.56 -13.86
CA ARG A 117 -6.53 -2.84 -13.31
C ARG A 117 -5.57 -3.50 -14.32
N ASP A 118 -5.98 -3.55 -15.58
CA ASP A 118 -5.13 -4.03 -16.69
C ASP A 118 -3.71 -3.39 -16.68
N LYS A 119 -3.64 -2.09 -16.41
CA LYS A 119 -2.38 -1.32 -16.54
C LYS A 119 -1.45 -1.58 -15.41
N TYR A 120 -2.01 -1.57 -14.19
CA TYR A 120 -1.17 -1.56 -12.98
C TYR A 120 -1.14 -2.88 -12.20
N GLU A 121 -2.26 -3.59 -12.18
CA GLU A 121 -2.36 -4.89 -11.53
C GLU A 121 -1.98 -6.06 -12.49
N LYS A 122 -2.65 -6.17 -13.62
CA LYS A 122 -2.31 -7.20 -14.65
C LYS A 122 -1.05 -6.83 -15.46
N LYS A 123 -0.80 -5.53 -15.62
CA LYS A 123 0.36 -5.04 -16.40
C LYS A 123 0.37 -5.55 -17.84
N LYS A 124 -0.83 -5.61 -18.45
CA LYS A 124 -1.01 -6.10 -19.83
C LYS A 124 -0.12 -5.43 -20.84
N TYR A 125 0.11 -4.13 -20.67
CA TYR A 125 0.75 -3.32 -21.67
C TYR A 125 2.14 -2.85 -21.28
N MET A 126 2.68 -3.40 -20.20
CA MET A 126 3.94 -2.91 -19.64
C MET A 126 5.16 -3.45 -20.33
N ASP A 127 6.13 -2.58 -20.56
CA ASP A 127 7.43 -3.01 -21.05
C ASP A 127 8.24 -3.42 -19.84
N ARG A 128 8.42 -4.73 -19.68
CA ARG A 128 9.01 -5.30 -18.49
C ARG A 128 10.50 -4.96 -18.34
N SER A 129 11.21 -4.79 -19.47
CA SER A 129 12.64 -4.37 -19.46
C SER A 129 12.85 -3.06 -18.68
N LEU A 130 11.86 -2.17 -18.74
CA LEU A 130 11.82 -0.98 -17.88
C LEU A 130 11.25 -1.38 -16.51
N ASP B 12 1.36 -22.73 -3.64
CA ASP B 12 2.75 -23.19 -3.84
C ASP B 12 3.63 -22.10 -4.44
N ARG B 13 3.06 -21.10 -5.11
CA ARG B 13 3.90 -20.12 -5.85
C ARG B 13 4.87 -19.38 -4.91
N TYR B 14 4.36 -18.97 -3.74
CA TYR B 14 5.16 -18.16 -2.82
C TYR B 14 5.33 -18.84 -1.44
N GLN B 15 5.09 -20.15 -1.37
CA GLN B 15 5.24 -20.91 -0.12
C GLN B 15 6.65 -20.78 0.48
N ALA B 16 7.69 -20.93 -0.37
CA ALA B 16 9.09 -20.89 0.08
C ALA B 16 9.54 -19.50 0.57
N VAL B 17 9.18 -18.47 -0.18
CA VAL B 17 9.37 -17.05 0.19
C VAL B 17 8.72 -16.74 1.55
N LEU B 18 7.46 -17.15 1.71
CA LEU B 18 6.74 -16.94 2.97
C LEU B 18 7.36 -17.74 4.11
N ALA B 19 7.81 -18.96 3.82
CA ALA B 19 8.41 -19.80 4.82
C ALA B 19 9.68 -19.17 5.33
N ASN B 20 10.48 -18.59 4.43
CA ASN B 20 11.69 -17.88 4.84
C ASN B 20 11.38 -16.65 5.70
N LEU B 21 10.33 -15.93 5.37
CA LEU B 21 9.93 -14.77 6.20
C LEU B 21 9.63 -15.22 7.60
N LEU B 22 8.99 -16.37 7.74
CA LEU B 22 8.61 -16.87 9.07
C LEU B 22 9.78 -17.45 9.88
N LEU B 23 10.97 -17.55 9.27
CA LEU B 23 12.20 -17.90 9.98
C LEU B 23 12.92 -16.68 10.55
N GLU B 24 12.49 -15.47 10.16
CA GLU B 24 13.01 -14.26 10.77
C GLU B 24 12.55 -14.23 12.21
N GLU B 25 13.47 -13.95 13.13
CA GLU B 25 13.22 -14.07 14.59
C GLU B 25 11.97 -13.31 15.08
N ASP B 26 11.81 -12.07 14.62
CA ASP B 26 10.59 -11.27 14.95
C ASP B 26 9.27 -11.88 14.45
N ASN B 27 9.32 -12.64 13.34
CA ASN B 27 8.09 -13.25 12.75
C ASN B 27 7.74 -14.62 13.31
N LYS B 28 8.51 -15.07 14.29
CA LYS B 28 8.21 -16.30 15.05
C LYS B 28 7.15 -16.08 16.13
N PHE B 29 6.72 -14.82 16.29
CA PHE B 29 5.70 -14.46 17.29
C PHE B 29 4.67 -13.50 16.71
N CYS B 30 3.42 -13.64 17.12
CA CYS B 30 2.38 -12.75 16.67
C CYS B 30 2.73 -11.30 17.00
N ALA B 31 2.60 -10.40 16.02
CA ALA B 31 2.95 -8.97 16.19
C ALA B 31 2.21 -8.29 17.36
N ASP B 32 1.02 -8.79 17.68
CA ASP B 32 0.12 -8.09 18.58
C ASP B 32 0.10 -8.77 19.94
N CYS B 33 -0.10 -10.08 19.98
CA CYS B 33 -0.15 -10.80 21.28
C CYS B 33 1.11 -11.60 21.55
N GLN B 34 1.99 -11.69 20.57
CA GLN B 34 3.29 -12.40 20.72
C GLN B 34 3.23 -13.92 21.01
N SER B 35 2.10 -14.55 20.72
CA SER B 35 2.00 -16.01 20.81
C SER B 35 2.88 -16.63 19.70
N LYS B 36 3.38 -17.82 19.98
CA LYS B 36 4.36 -18.48 19.12
C LYS B 36 3.76 -19.01 17.83
N GLY B 37 4.49 -18.82 16.74
CA GLY B 37 4.21 -19.49 15.48
C GLY B 37 3.02 -18.94 14.71
N PRO B 38 2.99 -17.62 14.47
CA PRO B 38 1.81 -17.08 13.74
C PRO B 38 1.72 -17.60 12.32
N ARG B 39 0.49 -17.94 11.89
CA ARG B 39 0.19 -18.51 10.55
C ARG B 39 -0.72 -17.60 9.66
N TRP B 40 -0.90 -16.36 10.12
CA TRP B 40 -1.73 -15.41 9.42
C TRP B 40 -0.97 -14.13 9.27
N ALA B 41 -1.53 -13.24 8.50
CA ALA B 41 -0.86 -11.96 8.21
C ALA B 41 -1.84 -10.86 7.90
N SER B 42 -1.50 -9.60 8.26
CA SER B 42 -2.17 -8.44 7.69
C SER B 42 -1.18 -7.96 6.65
N TRP B 43 -1.54 -8.08 5.38
CA TRP B 43 -0.55 -7.81 4.33
C TRP B 43 -0.38 -6.35 3.94
N ASN B 44 -1.37 -5.51 4.24
CA ASN B 44 -1.22 -4.07 4.02
C ASN B 44 -0.40 -3.37 5.12
N ILE B 45 -0.55 -3.84 6.36
CA ILE B 45 0.27 -3.40 7.50
C ILE B 45 1.66 -4.00 7.37
N GLY B 46 1.68 -5.29 7.01
CA GLY B 46 2.92 -6.08 6.87
C GLY B 46 3.34 -6.82 8.13
N VAL B 47 2.37 -7.33 8.88
CA VAL B 47 2.63 -8.07 10.12
C VAL B 47 2.17 -9.50 10.03
N PHE B 48 2.91 -10.37 10.68
CA PHE B 48 2.50 -11.75 10.85
C PHE B 48 1.85 -11.89 12.20
N ILE B 49 0.65 -12.46 12.20
CA ILE B 49 -0.19 -12.54 13.39
C ILE B 49 -0.87 -13.90 13.53
N CYS B 50 -1.40 -14.18 14.72
CA CYS B 50 -2.08 -15.43 14.99
C CYS B 50 -3.50 -15.42 14.47
N ILE B 51 -4.09 -16.60 14.45
CA ILE B 51 -5.48 -16.82 14.00
C ILE B 51 -6.50 -15.96 14.77
N ARG B 52 -6.34 -15.85 16.08
CA ARG B 52 -7.19 -15.02 16.94
C ARG B 52 -7.07 -13.57 16.60
N CYS B 53 -5.83 -13.05 16.53
CA CYS B 53 -5.61 -11.65 16.21
C CYS B 53 -6.01 -11.30 14.78
N ALA B 54 -5.83 -12.27 13.87
CA ALA B 54 -6.32 -12.14 12.52
C ALA B 54 -7.83 -11.92 12.46
N GLY B 55 -8.58 -12.57 13.34
CA GLY B 55 -10.04 -12.33 13.50
C GLY B 55 -10.38 -10.91 13.94
N ILE B 56 -9.59 -10.38 14.86
CA ILE B 56 -9.78 -9.01 15.33
C ILE B 56 -9.45 -8.00 14.20
N HIS B 57 -8.30 -8.20 13.54
CA HIS B 57 -7.89 -7.40 12.36
C HIS B 57 -8.97 -7.36 11.29
N ARG B 58 -9.54 -8.52 10.94
CA ARG B 58 -10.64 -8.62 9.96
C ARG B 58 -11.79 -7.67 10.31
N ASN B 59 -12.07 -7.51 11.60
CA ASN B 59 -13.14 -6.61 12.06
C ASN B 59 -12.77 -5.10 12.07
N LEU B 60 -11.52 -4.74 11.76
CA LEU B 60 -11.14 -3.33 11.65
C LEU B 60 -11.60 -2.66 10.32
N GLY B 61 -11.74 -3.48 9.27
CA GLY B 61 -12.11 -3.02 7.94
C GLY B 61 -10.90 -2.87 7.02
N VAL B 62 -11.15 -2.96 5.72
CA VAL B 62 -10.04 -3.08 4.76
C VAL B 62 -9.26 -1.81 4.59
N HIS B 63 -9.85 -0.69 5.04
CA HIS B 63 -9.14 0.58 5.06
C HIS B 63 -8.03 0.58 6.11
N ILE B 64 -8.19 -0.27 7.13
CA ILE B 64 -7.21 -0.45 8.21
C ILE B 64 -6.35 -1.72 8.03
N SER B 65 -6.97 -2.87 7.84
CA SER B 65 -6.22 -4.16 7.75
C SER B 65 -6.88 -5.15 6.83
N ARG B 66 -6.04 -5.88 6.10
CA ARG B 66 -6.46 -6.90 5.15
C ARG B 66 -5.64 -8.14 5.43
N VAL B 67 -6.34 -9.23 5.68
CA VAL B 67 -5.79 -10.39 6.32
C VAL B 67 -5.77 -11.58 5.34
N LYS B 68 -4.70 -12.39 5.42
CA LYS B 68 -4.56 -13.67 4.75
C LYS B 68 -3.99 -14.78 5.65
N SER B 69 -4.34 -16.02 5.31
CA SER B 69 -3.71 -17.19 5.86
C SER B 69 -2.41 -17.42 5.10
N VAL B 70 -1.34 -17.68 5.84
CA VAL B 70 -0.06 -17.89 5.21
C VAL B 70 -0.08 -19.13 4.33
N ASN B 71 -0.69 -20.22 4.83
CA ASN B 71 -0.67 -21.50 4.11
C ASN B 71 -1.96 -21.90 3.39
N LEU B 72 -3.05 -21.14 3.56
CA LEU B 72 -4.28 -21.40 2.81
C LEU B 72 -4.53 -20.42 1.66
N ASP B 73 -4.21 -19.15 1.86
CA ASP B 73 -4.56 -18.14 0.84
C ASP B 73 -3.53 -18.05 -0.27
N GLN B 74 -3.95 -17.38 -1.34
CA GLN B 74 -3.15 -17.14 -2.51
CA GLN B 74 -3.12 -17.14 -2.50
C GLN B 74 -2.60 -15.71 -2.45
N TRP B 75 -1.31 -15.55 -2.71
CA TRP B 75 -0.65 -14.26 -2.63
C TRP B 75 -0.15 -13.74 -3.95
N THR B 76 -0.08 -12.41 -4.08
CA THR B 76 0.47 -11.77 -5.25
C THR B 76 1.91 -11.37 -4.92
N GLN B 77 2.74 -11.11 -5.94
CA GLN B 77 4.12 -10.68 -5.70
C GLN B 77 4.19 -9.45 -4.80
N GLU B 78 3.31 -8.49 -5.09
CA GLU B 78 3.26 -7.19 -4.42
C GLU B 78 2.92 -7.36 -2.96
N GLN B 79 1.96 -8.23 -2.68
CA GLN B 79 1.58 -8.58 -1.30
C GLN B 79 2.74 -9.20 -0.56
N ILE B 80 3.45 -10.12 -1.22
CA ILE B 80 4.66 -10.69 -0.63
C ILE B 80 5.67 -9.55 -0.31
N GLN B 81 5.85 -8.61 -1.21
CA GLN B 81 6.80 -7.50 -0.97
C GLN B 81 6.40 -6.58 0.19
N CYS B 82 5.10 -6.41 0.39
CA CYS B 82 4.60 -5.67 1.56
C CYS B 82 5.12 -6.34 2.83
N MET B 83 5.19 -7.67 2.82
CA MET B 83 5.69 -8.44 3.96
C MET B 83 7.19 -8.33 4.09
N GLN B 84 7.91 -8.36 2.95
CA GLN B 84 9.35 -8.19 3.02
C GLN B 84 9.79 -6.77 3.42
N GLU B 85 9.02 -5.75 3.03
CA GLU B 85 9.39 -4.36 3.34
CA GLU B 85 9.38 -4.35 3.34
C GLU B 85 8.99 -3.97 4.77
N MET B 86 8.39 -4.88 5.51
CA MET B 86 7.95 -4.58 6.89
C MET B 86 8.34 -5.75 7.78
N GLY B 87 7.38 -6.61 8.13
CA GLY B 87 7.64 -7.67 9.08
C GLY B 87 7.51 -7.17 10.50
N ASN B 88 7.59 -8.08 11.46
CA ASN B 88 7.25 -7.75 12.88
C ASN B 88 8.26 -6.86 13.62
N GLY B 89 9.52 -6.89 13.21
CA GLY B 89 10.56 -6.04 13.79
C GLY B 89 10.38 -4.59 13.42
N LYS B 90 10.28 -4.34 12.12
CA LYS B 90 10.01 -3.01 11.63
C LYS B 90 8.64 -2.49 12.06
N ALA B 91 7.62 -3.34 12.07
CA ALA B 91 6.31 -3.03 12.61
C ALA B 91 6.31 -2.63 14.11
N ASN B 92 7.16 -3.27 14.92
CA ASN B 92 7.34 -2.87 16.31
C ASN B 92 7.91 -1.45 16.43
N ARG B 93 8.92 -1.16 15.62
CA ARG B 93 9.59 0.14 15.64
C ARG B 93 8.65 1.25 15.19
N LEU B 94 7.69 0.92 14.32
CA LEU B 94 6.73 1.88 13.82
C LEU B 94 5.55 2.02 14.78
N TYR B 95 4.80 0.92 14.94
CA TYR B 95 3.51 0.91 15.64
C TYR B 95 3.62 0.87 17.17
N GLU B 96 4.76 0.41 17.67
CA GLU B 96 4.97 0.23 19.08
C GLU B 96 6.20 1.06 19.55
N ALA B 97 6.56 2.10 18.78
CA ALA B 97 7.68 2.98 19.13
C ALA B 97 7.57 3.47 20.57
N TYR B 98 6.37 3.94 20.90
CA TYR B 98 6.09 4.59 22.18
C TYR B 98 5.37 3.71 23.23
N LEU B 99 5.40 2.40 23.02
CA LEU B 99 4.81 1.47 23.97
C LEU B 99 5.75 1.38 25.17
N PRO B 100 5.28 1.77 26.38
CA PRO B 100 6.16 1.70 27.56
C PRO B 100 6.80 0.30 27.75
N GLU B 101 8.07 0.26 28.15
CA GLU B 101 8.74 -1.01 28.58
C GLU B 101 7.97 -1.68 29.72
N THR B 102 7.30 -0.88 30.54
CA THR B 102 6.47 -1.34 31.65
C THR B 102 5.08 -1.90 31.24
N PHE B 103 4.74 -1.81 29.96
CA PHE B 103 3.39 -2.20 29.46
C PHE B 103 3.18 -3.72 29.53
N ARG B 104 2.00 -4.15 29.97
CA ARG B 104 1.67 -5.59 30.07
C ARG B 104 0.91 -5.97 28.83
N ARG B 105 1.61 -6.54 27.86
CA ARG B 105 1.01 -6.89 26.57
C ARG B 105 -0.15 -7.86 26.78
N PRO B 106 -1.36 -7.51 26.32
CA PRO B 106 -2.50 -8.40 26.60
C PRO B 106 -2.49 -9.74 25.84
N GLN B 107 -3.29 -10.65 26.35
CA GLN B 107 -3.38 -12.01 25.85
C GLN B 107 -4.82 -12.41 25.66
N ILE B 108 -5.73 -11.83 26.45
CA ILE B 108 -7.12 -12.26 26.40
C ILE B 108 -7.90 -11.39 25.43
N ASP B 109 -8.87 -12.03 24.79
CA ASP B 109 -9.58 -11.48 23.64
C ASP B 109 -9.97 -9.99 23.71
N PRO B 110 -10.85 -9.58 24.65
CA PRO B 110 -11.27 -8.18 24.70
C PRO B 110 -10.15 -7.17 24.97
N ALA B 111 -9.14 -7.57 25.74
CA ALA B 111 -7.97 -6.73 25.99
C ALA B 111 -7.15 -6.56 24.71
N VAL B 112 -6.95 -7.66 24.01
CA VAL B 112 -6.19 -7.66 22.75
C VAL B 112 -6.92 -6.82 21.68
N GLU B 113 -8.24 -6.95 21.62
CA GLU B 113 -9.05 -6.17 20.66
C GLU B 113 -8.82 -4.67 20.82
N GLY B 114 -8.88 -4.17 22.05
CA GLY B 114 -8.63 -2.78 22.30
C GLY B 114 -7.21 -2.33 21.99
N PHE B 115 -6.24 -3.20 22.28
CA PHE B 115 -4.83 -2.94 21.96
C PHE B 115 -4.60 -2.84 20.44
N ILE B 116 -5.20 -3.76 19.68
CA ILE B 116 -5.11 -3.78 18.23
C ILE B 116 -5.74 -2.51 17.64
N ARG B 117 -6.91 -2.11 18.15
CA ARG B 117 -7.52 -0.87 17.63
C ARG B 117 -6.62 0.34 17.90
N ASP B 118 -6.12 0.43 19.15
CA ASP B 118 -5.16 1.47 19.55
C ASP B 118 -3.92 1.57 18.64
N LYS B 119 -3.31 0.43 18.36
CA LYS B 119 -2.14 0.35 17.51
C LYS B 119 -2.37 0.86 16.10
N TYR B 120 -3.40 0.32 15.46
CA TYR B 120 -3.49 0.42 14.01
C TYR B 120 -4.45 1.49 13.53
N GLU B 121 -5.48 1.73 14.31
CA GLU B 121 -6.46 2.73 13.97
C GLU B 121 -6.18 4.04 14.64
N LYS B 122 -6.01 4.05 15.97
CA LYS B 122 -5.59 5.27 16.70
C LYS B 122 -4.09 5.66 16.57
N LYS B 123 -3.24 4.73 16.09
CA LYS B 123 -1.79 4.96 15.98
C LYS B 123 -1.22 5.51 17.29
N LYS B 124 -1.78 4.99 18.39
CA LYS B 124 -1.55 5.55 19.70
C LYS B 124 -0.07 5.53 20.09
N TYR B 125 0.67 4.53 19.62
CA TYR B 125 2.07 4.35 20.07
C TYR B 125 3.07 4.52 18.98
N MET B 126 2.62 5.08 17.87
CA MET B 126 3.37 5.06 16.63
C MET B 126 4.34 6.24 16.53
N ASP B 127 5.55 5.94 16.09
CA ASP B 127 6.48 6.99 15.65
C ASP B 127 6.08 7.34 14.22
N ARG B 128 5.47 8.50 14.07
CA ARG B 128 4.86 8.85 12.81
C ARG B 128 5.88 9.21 11.75
N SER B 129 7.07 9.64 12.16
CA SER B 129 8.17 9.86 11.26
C SER B 129 8.55 8.59 10.48
N LEU B 130 8.23 7.42 11.05
CA LEU B 130 8.43 6.10 10.38
C LEU B 130 7.22 5.57 9.58
N ASP B 131 6.14 6.35 9.52
CA ASP B 131 4.93 5.92 8.81
C ASP B 131 5.05 6.26 7.32
N ILE B 132 5.98 5.57 6.68
CA ILE B 132 6.47 5.97 5.36
C ILE B 132 5.43 5.87 4.23
N ASN B 133 4.43 4.99 4.40
CA ASN B 133 3.32 4.83 3.43
C ASN B 133 2.04 5.64 3.69
N ALA B 134 2.05 6.42 4.77
CA ALA B 134 0.89 7.25 5.11
C ALA B 134 1.08 8.65 4.59
ZN ZN C . -8.80 9.96 -14.64
C1 BME D . 7.65 3.84 -5.23
C2 BME D . 8.71 4.54 -6.10
O1 BME D . 8.14 3.53 -3.94
S2 BME D . 9.47 5.98 -5.28
UNK UNX E . -8.97 15.99 -9.95
ZN ZN F . -2.03 -12.80 18.31
C2 BME G . 1.98 -1.87 1.72
S2 BME G . 3.05 -2.92 0.66
UNK UNX H . -0.15 -2.55 31.52
UNK UNX I . -1.78 -19.00 13.96
#